data_2PL2
#
_entry.id   2PL2
#
_cell.length_a   90.070
_cell.length_b   71.020
_cell.length_c   77.720
_cell.angle_alpha   90.00
_cell.angle_beta   122.97
_cell.angle_gamma   90.00
#
_symmetry.space_group_name_H-M   'C 1 2 1'
#
loop_
_entity.id
_entity.type
_entity.pdbx_description
1 polymer 'Hypothetical conserved protein TTC0263'
2 water water
#
_entity_poly.entity_id   1
_entity_poly.type   'polypeptide(L)'
_entity_poly.pdbx_seq_one_letter_code
;MQTAEQNPLRLGVQLYALGRYDAALTLFERALKENPQDPEALYWLARTQLKLGLVNPALENGKTLVARTPRYLGGYMVLS
EAYVALYRQAEDRERGKGYLEQALSVLKDAERVNPRYAPLHLQRGLVYALLGERDKAEASLKQALALEDTPEIRSALAEL
YLSMGRLDEALAQYAKALEQAPKDLDLRVRYASALLLKGKAEEAARAAALEHHHHHH
;
_entity_poly.pdbx_strand_id   A,B
#
# COMPACT_ATOMS: atom_id res chain seq x y z
N ALA A 4 30.15 6.30 8.24
CA ALA A 4 29.14 6.12 9.34
C ALA A 4 27.72 6.11 8.77
N GLU A 5 27.49 6.90 7.72
CA GLU A 5 26.18 6.96 7.09
C GLU A 5 26.13 5.98 5.93
N GLN A 6 27.29 5.46 5.55
CA GLN A 6 27.40 4.53 4.43
C GLN A 6 26.63 3.22 4.66
N ASN A 7 26.99 2.49 5.71
CA ASN A 7 26.35 1.22 6.02
C ASN A 7 24.83 1.33 6.20
N PRO A 8 24.37 2.18 7.13
CA PRO A 8 22.92 2.27 7.29
C PRO A 8 22.19 2.68 6.01
N LEU A 9 22.75 3.62 5.26
CA LEU A 9 22.13 4.07 4.03
C LEU A 9 22.11 2.98 2.96
N ARG A 10 23.22 2.27 2.83
CA ARG A 10 23.33 1.21 1.84
C ARG A 10 22.40 0.04 2.14
N LEU A 11 22.29 -0.33 3.41
CA LEU A 11 21.43 -1.43 3.80
C LEU A 11 19.98 -1.02 3.62
N GLY A 12 19.70 0.26 3.86
CA GLY A 12 18.35 0.73 3.70
C GLY A 12 17.87 0.59 2.27
N VAL A 13 18.73 0.93 1.31
CA VAL A 13 18.36 0.84 -0.11
C VAL A 13 18.08 -0.61 -0.51
N GLN A 14 18.85 -1.53 0.05
CA GLN A 14 18.68 -2.96 -0.25
C GLN A 14 17.33 -3.43 0.29
N LEU A 15 17.08 -3.16 1.56
CA LEU A 15 15.81 -3.56 2.18
C LEU A 15 14.64 -2.91 1.47
N TYR A 16 14.83 -1.70 0.96
CA TYR A 16 13.73 -1.04 0.27
C TYR A 16 13.42 -1.86 -0.97
N ALA A 17 14.45 -2.24 -1.72
CA ALA A 17 14.29 -3.05 -2.93
C ALA A 17 13.68 -4.40 -2.60
N LEU A 18 13.86 -4.84 -1.37
CA LEU A 18 13.30 -6.12 -0.93
C LEU A 18 11.86 -5.96 -0.45
N GLY A 19 11.36 -4.72 -0.45
CA GLY A 19 9.99 -4.48 -0.02
C GLY A 19 9.74 -4.36 1.47
N ARG A 20 10.81 -4.37 2.26
CA ARG A 20 10.67 -4.24 3.71
C ARG A 20 10.86 -2.76 4.07
N TYR A 21 9.80 -1.99 3.85
CA TYR A 21 9.82 -0.56 4.08
C TYR A 21 9.96 -0.17 5.54
N ASP A 22 9.17 -0.79 6.42
CA ASP A 22 9.27 -0.47 7.83
C ASP A 22 10.70 -0.57 8.33
N ALA A 23 11.44 -1.58 7.86
CA ALA A 23 12.83 -1.72 8.27
C ALA A 23 13.67 -0.68 7.54
N ALA A 24 13.23 -0.34 6.32
CA ALA A 24 13.94 0.63 5.50
C ALA A 24 13.92 2.01 6.14
N LEU A 25 12.75 2.40 6.63
CA LEU A 25 12.55 3.69 7.27
C LEU A 25 13.53 3.96 8.40
N THR A 26 13.63 3.03 9.34
CA THR A 26 14.52 3.18 10.49
C THR A 26 15.99 3.33 10.09
N LEU A 27 16.40 2.64 9.03
CA LEU A 27 17.78 2.73 8.57
C LEU A 27 18.05 4.11 7.96
N PHE A 28 17.08 4.61 7.20
CA PHE A 28 17.20 5.92 6.56
C PHE A 28 17.20 7.04 7.61
N GLU A 29 16.61 6.76 8.77
CA GLU A 29 16.57 7.74 9.83
C GLU A 29 17.96 7.79 10.45
N ARG A 30 18.57 6.62 10.66
CA ARG A 30 19.91 6.56 11.21
C ARG A 30 20.90 7.21 10.24
N ALA A 31 20.53 7.20 8.96
CA ALA A 31 21.35 7.78 7.90
C ALA A 31 21.34 9.28 8.04
N LEU A 32 20.19 9.80 8.45
CA LEU A 32 20.02 11.23 8.65
C LEU A 32 20.65 11.71 9.95
N LYS A 33 20.55 10.92 11.02
CA LYS A 33 21.14 11.33 12.28
C LYS A 33 22.65 11.46 12.13
N GLU A 34 23.21 10.94 11.04
CA GLU A 34 24.64 11.02 10.82
C GLU A 34 24.97 12.14 9.84
N ASN A 35 24.04 12.41 8.94
CA ASN A 35 24.19 13.45 7.92
C ASN A 35 22.79 14.02 7.70
N PRO A 36 22.30 14.83 8.64
CA PRO A 36 20.99 15.49 8.71
C PRO A 36 20.45 16.13 7.43
N GLN A 37 21.35 16.57 6.56
CA GLN A 37 20.94 17.23 5.33
C GLN A 37 20.78 16.26 4.16
N ASP A 38 21.89 15.60 3.83
CA ASP A 38 21.98 14.64 2.74
C ASP A 38 20.65 14.38 2.02
N PRO A 39 20.51 14.92 0.80
CA PRO A 39 19.29 14.75 0.00
C PRO A 39 18.97 13.29 -0.37
N GLU A 40 20.02 12.50 -0.61
CA GLU A 40 19.83 11.10 -0.98
C GLU A 40 19.11 10.32 0.13
N ALA A 41 19.50 10.52 1.39
CA ALA A 41 18.82 9.84 2.49
C ALA A 41 17.37 10.34 2.58
N LEU A 42 17.18 11.66 2.49
CA LEU A 42 15.85 12.29 2.56
C LEU A 42 14.97 11.79 1.43
N TYR A 43 15.59 11.58 0.27
CA TYR A 43 14.88 11.09 -0.89
C TYR A 43 14.36 9.69 -0.58
N TRP A 44 15.25 8.79 -0.18
CA TRP A 44 14.87 7.42 0.13
C TRP A 44 13.89 7.38 1.30
N LEU A 45 14.15 8.20 2.30
CA LEU A 45 13.27 8.29 3.47
C LEU A 45 11.87 8.62 2.99
N ALA A 46 11.77 9.67 2.17
CA ALA A 46 10.49 10.11 1.63
C ALA A 46 9.82 8.98 0.84
N ARG A 47 10.59 8.30 0.00
CA ARG A 47 10.06 7.22 -0.82
C ARG A 47 9.47 6.15 0.08
N THR A 48 10.19 5.82 1.14
CA THR A 48 9.73 4.83 2.09
C THR A 48 8.47 5.30 2.83
N GLN A 49 8.37 6.60 3.10
CA GLN A 49 7.22 7.16 3.79
C GLN A 49 5.96 7.05 2.92
N LEU A 50 6.11 7.25 1.61
CA LEU A 50 4.97 7.15 0.71
C LEU A 50 4.44 5.71 0.76
N LYS A 51 5.36 4.74 0.75
CA LYS A 51 5.01 3.33 0.81
C LYS A 51 4.30 3.00 2.12
N LEU A 52 4.76 3.61 3.21
CA LEU A 52 4.15 3.38 4.52
C LEU A 52 2.95 4.29 4.75
N GLY A 53 2.38 4.83 3.68
CA GLY A 53 1.23 5.70 3.82
C GLY A 53 1.44 7.01 4.57
N LEU A 54 2.69 7.39 4.82
CA LEU A 54 3.02 8.64 5.52
C LEU A 54 3.14 9.84 4.55
N VAL A 55 2.03 10.25 3.94
CA VAL A 55 1.99 11.33 2.97
C VAL A 55 2.65 12.67 3.36
N ASN A 56 1.98 13.42 4.23
CA ASN A 56 2.48 14.73 4.64
C ASN A 56 4.00 14.78 4.88
N PRO A 57 4.54 13.85 5.67
CA PRO A 57 5.98 13.85 5.93
C PRO A 57 6.84 13.72 4.66
N ALA A 58 6.31 13.02 3.66
CA ALA A 58 7.01 12.81 2.41
C ALA A 58 6.86 14.02 1.50
N LEU A 59 5.72 14.69 1.62
CA LEU A 59 5.46 15.89 0.84
C LEU A 59 6.41 16.97 1.35
N GLU A 60 6.63 16.98 2.66
CA GLU A 60 7.50 17.97 3.29
C GLU A 60 8.98 17.73 2.97
N ASN A 61 9.36 16.46 2.81
CA ASN A 61 10.74 16.10 2.49
C ASN A 61 11.02 16.37 1.02
N GLY A 62 10.00 16.21 0.18
CA GLY A 62 10.16 16.49 -1.23
C GLY A 62 10.36 17.97 -1.40
N LYS A 63 9.57 18.75 -0.64
CA LYS A 63 9.64 20.21 -0.65
C LYS A 63 11.03 20.70 -0.30
N THR A 64 11.61 20.17 0.77
CA THR A 64 12.95 20.57 1.19
C THR A 64 14.03 20.01 0.27
N LEU A 65 13.66 19.08 -0.60
CA LEU A 65 14.62 18.51 -1.52
C LEU A 65 14.72 19.37 -2.77
N VAL A 66 13.59 19.90 -3.23
CA VAL A 66 13.57 20.75 -4.41
C VAL A 66 14.04 22.16 -4.04
N ALA A 67 13.88 22.52 -2.78
CA ALA A 67 14.25 23.84 -2.30
C ALA A 67 15.73 24.02 -2.09
N ARG A 68 16.40 22.98 -1.59
CA ARG A 68 17.83 23.05 -1.32
C ARG A 68 18.69 22.32 -2.36
N THR A 69 18.05 21.52 -3.21
CA THR A 69 18.76 20.78 -4.25
C THR A 69 17.88 20.66 -5.49
N PRO A 70 17.52 21.80 -6.09
CA PRO A 70 16.68 21.86 -7.30
C PRO A 70 17.24 21.11 -8.52
N ARG A 71 18.49 20.66 -8.42
CA ARG A 71 19.13 19.95 -9.52
C ARG A 71 19.00 18.44 -9.37
N TYR A 72 18.55 18.02 -8.19
CA TYR A 72 18.36 16.60 -7.88
C TYR A 72 16.93 16.19 -8.28
N LEU A 73 16.84 15.17 -9.13
CA LEU A 73 15.55 14.67 -9.60
C LEU A 73 14.69 14.09 -8.49
N GLY A 74 15.35 13.51 -7.48
CA GLY A 74 14.65 12.92 -6.35
C GLY A 74 13.53 13.76 -5.80
N GLY A 75 13.83 15.03 -5.52
CA GLY A 75 12.83 15.94 -4.98
C GLY A 75 11.54 16.01 -5.75
N TYR A 76 11.66 16.18 -7.06
CA TYR A 76 10.49 16.26 -7.93
C TYR A 76 9.74 14.92 -7.94
N MET A 77 10.48 13.82 -8.03
CA MET A 77 9.84 12.50 -8.07
C MET A 77 9.07 12.28 -6.77
N VAL A 78 9.74 12.44 -5.64
CA VAL A 78 9.10 12.27 -4.34
C VAL A 78 7.87 13.17 -4.26
N LEU A 79 8.09 14.46 -4.44
CA LEU A 79 7.04 15.47 -4.42
C LEU A 79 5.92 15.11 -5.39
N SER A 80 6.29 14.62 -6.56
CA SER A 80 5.34 14.22 -7.59
C SER A 80 4.40 13.10 -7.16
N GLU A 81 4.96 12.05 -6.57
CA GLU A 81 4.16 10.91 -6.11
C GLU A 81 3.30 11.30 -4.92
N ALA A 82 3.83 12.21 -4.09
CA ALA A 82 3.11 12.67 -2.92
C ALA A 82 1.81 13.35 -3.30
N TYR A 83 1.82 14.13 -4.39
CA TYR A 83 0.60 14.81 -4.82
C TYR A 83 -0.44 13.81 -5.35
N VAL A 84 0.03 12.74 -5.98
CA VAL A 84 -0.86 11.71 -6.49
C VAL A 84 -1.56 10.99 -5.34
N ALA A 85 -0.80 10.68 -4.28
CA ALA A 85 -1.38 10.00 -3.15
C ALA A 85 -2.50 10.87 -2.61
N LEU A 86 -2.21 12.17 -2.47
CA LEU A 86 -3.18 13.15 -2.00
C LEU A 86 -4.38 13.23 -2.94
N TYR A 87 -4.18 12.91 -4.21
CA TYR A 87 -5.26 12.94 -5.20
C TYR A 87 -6.23 11.76 -5.03
N ARG A 88 -5.70 10.59 -4.71
CA ARG A 88 -6.52 9.42 -4.51
C ARG A 88 -7.34 9.66 -3.25
N GLN A 89 -6.67 10.24 -2.26
CA GLN A 89 -7.27 10.56 -0.97
C GLN A 89 -8.11 11.84 -1.09
N ALA A 90 -8.22 12.36 -2.31
CA ALA A 90 -8.98 13.58 -2.55
C ALA A 90 -10.41 13.52 -2.02
N GLU A 91 -10.65 14.27 -0.95
CA GLU A 91 -11.96 14.34 -0.33
C GLU A 91 -12.97 14.83 -1.36
N ASP A 92 -12.63 15.92 -2.05
CA ASP A 92 -13.48 16.51 -3.07
C ASP A 92 -12.99 16.00 -4.44
N ARG A 93 -13.82 16.11 -5.46
CA ARG A 93 -13.42 15.65 -6.79
C ARG A 93 -12.51 16.70 -7.43
N GLU A 94 -12.89 17.97 -7.29
CA GLU A 94 -12.12 19.06 -7.84
C GLU A 94 -10.87 19.31 -7.01
N ARG A 95 -10.94 18.99 -5.73
CA ARG A 95 -9.80 19.15 -4.85
C ARG A 95 -8.68 18.26 -5.37
N GLY A 96 -9.04 17.09 -5.90
CA GLY A 96 -8.06 16.16 -6.41
C GLY A 96 -7.34 16.64 -7.65
N LYS A 97 -8.07 17.25 -8.58
CA LYS A 97 -7.46 17.75 -9.80
C LYS A 97 -6.31 18.69 -9.52
N GLY A 98 -6.49 19.59 -8.56
CA GLY A 98 -5.45 20.53 -8.22
C GLY A 98 -4.14 19.82 -7.93
N TYR A 99 -4.20 18.86 -7.01
CA TYR A 99 -3.02 18.08 -6.62
C TYR A 99 -2.34 17.43 -7.85
N LEU A 100 -3.15 16.89 -8.76
CA LEU A 100 -2.66 16.24 -9.96
C LEU A 100 -2.01 17.28 -10.84
N GLU A 101 -2.61 18.46 -10.86
CA GLU A 101 -2.11 19.58 -11.64
C GLU A 101 -0.73 19.95 -11.12
N GLN A 102 -0.57 19.92 -9.79
CA GLN A 102 0.72 20.22 -9.15
C GLN A 102 1.76 19.18 -9.51
N ALA A 103 1.31 17.92 -9.58
CA ALA A 103 2.18 16.81 -9.92
C ALA A 103 2.68 16.97 -11.35
N LEU A 104 1.82 17.42 -12.25
CA LEU A 104 2.20 17.64 -13.64
C LEU A 104 3.21 18.77 -13.72
N SER A 105 2.97 19.80 -12.92
CA SER A 105 3.83 20.96 -12.90
C SER A 105 5.23 20.62 -12.42
N VAL A 106 5.30 19.90 -11.31
CA VAL A 106 6.59 19.53 -10.74
C VAL A 106 7.35 18.57 -11.66
N LEU A 107 6.62 17.67 -12.31
CA LEU A 107 7.24 16.72 -13.21
C LEU A 107 7.81 17.51 -14.37
N LYS A 108 7.06 18.50 -14.84
CA LYS A 108 7.51 19.35 -15.94
C LYS A 108 8.82 20.05 -15.56
N ASP A 109 8.89 20.63 -14.36
CA ASP A 109 10.10 21.32 -13.91
C ASP A 109 11.25 20.32 -13.88
N ALA A 110 10.97 19.10 -13.43
CA ALA A 110 12.02 18.09 -13.38
C ALA A 110 12.52 17.79 -14.79
N GLU A 111 11.60 17.84 -15.75
CA GLU A 111 11.94 17.57 -17.15
C GLU A 111 12.99 18.56 -17.64
N ARG A 112 13.01 19.75 -17.03
CA ARG A 112 13.97 20.79 -17.39
C ARG A 112 15.37 20.42 -16.89
N VAL A 113 15.43 19.61 -15.85
CA VAL A 113 16.69 19.18 -15.25
C VAL A 113 17.24 17.93 -15.94
N ASN A 114 16.38 17.22 -16.66
CA ASN A 114 16.76 16.02 -17.39
C ASN A 114 15.58 15.49 -18.20
N PRO A 115 15.63 15.64 -19.53
CA PRO A 115 14.54 15.17 -20.41
C PRO A 115 14.60 13.69 -20.74
N ARG A 116 15.76 13.09 -20.50
CA ARG A 116 15.97 11.68 -20.80
C ARG A 116 15.79 10.73 -19.63
N TYR A 117 15.08 11.16 -18.59
CA TYR A 117 14.87 10.30 -17.42
C TYR A 117 13.54 9.53 -17.51
N ALA A 118 13.64 8.22 -17.73
CA ALA A 118 12.48 7.34 -17.88
C ALA A 118 11.40 7.50 -16.81
N PRO A 119 11.78 7.42 -15.52
CA PRO A 119 10.81 7.54 -14.44
C PRO A 119 9.89 8.75 -14.56
N LEU A 120 10.44 9.90 -14.97
CA LEU A 120 9.63 11.11 -15.11
C LEU A 120 8.51 10.91 -16.10
N HIS A 121 8.86 10.47 -17.30
CA HIS A 121 7.88 10.24 -18.35
C HIS A 121 6.86 9.18 -17.91
N LEU A 122 7.32 8.24 -17.10
CA LEU A 122 6.45 7.20 -16.58
C LEU A 122 5.43 7.85 -15.66
N GLN A 123 5.95 8.64 -14.71
CA GLN A 123 5.09 9.35 -13.76
C GLN A 123 4.18 10.33 -14.49
N ARG A 124 4.71 11.03 -15.47
CA ARG A 124 3.91 11.98 -16.20
C ARG A 124 2.74 11.27 -16.85
N GLY A 125 2.98 10.08 -17.39
CA GLY A 125 1.91 9.32 -18.04
C GLY A 125 0.87 8.85 -17.03
N LEU A 126 1.34 8.40 -15.88
CA LEU A 126 0.45 7.93 -14.82
C LEU A 126 -0.40 9.09 -14.32
N VAL A 127 0.14 10.31 -14.38
CA VAL A 127 -0.57 11.50 -13.94
C VAL A 127 -1.62 11.93 -14.97
N TYR A 128 -1.26 11.88 -16.24
CA TYR A 128 -2.22 12.23 -17.29
C TYR A 128 -3.41 11.28 -17.27
N ALA A 129 -3.15 10.01 -16.96
CA ALA A 129 -4.21 9.02 -16.90
C ALA A 129 -5.18 9.36 -15.77
N LEU A 130 -4.66 9.62 -14.58
CA LEU A 130 -5.49 9.98 -13.44
C LEU A 130 -6.32 11.21 -13.79
N LEU A 131 -5.79 12.02 -14.71
CA LEU A 131 -6.49 13.22 -15.17
C LEU A 131 -7.46 12.86 -16.28
N GLY A 132 -7.58 11.56 -16.56
CA GLY A 132 -8.48 11.14 -17.61
C GLY A 132 -7.98 11.64 -18.96
N GLU A 133 -6.68 11.86 -19.06
CA GLU A 133 -6.09 12.30 -20.33
C GLU A 133 -5.36 11.15 -20.99
N ARG A 134 -6.15 10.13 -21.34
CA ARG A 134 -5.68 8.91 -21.99
C ARG A 134 -4.66 9.22 -23.08
N ASP A 135 -5.02 10.16 -23.93
CA ASP A 135 -4.19 10.59 -25.05
C ASP A 135 -2.76 10.96 -24.66
N LYS A 136 -2.62 11.91 -23.75
CA LYS A 136 -1.29 12.38 -23.31
C LYS A 136 -0.54 11.31 -22.54
N ALA A 137 -1.29 10.47 -21.83
CA ALA A 137 -0.72 9.39 -21.03
C ALA A 137 0.07 8.39 -21.88
N GLU A 138 -0.51 8.00 -23.01
CA GLU A 138 0.12 7.04 -23.92
C GLU A 138 1.44 7.55 -24.49
N ALA A 139 1.40 8.79 -24.97
CA ALA A 139 2.58 9.43 -25.53
C ALA A 139 3.72 9.50 -24.50
N SER A 140 3.38 9.85 -23.25
CA SER A 140 4.38 9.94 -22.19
C SER A 140 4.92 8.57 -21.87
N LEU A 141 4.02 7.59 -21.76
CA LEU A 141 4.44 6.23 -21.48
C LEU A 141 5.28 5.67 -22.62
N LYS A 142 4.83 5.89 -23.85
CA LYS A 142 5.59 5.42 -25.00
C LYS A 142 6.94 6.12 -24.94
N GLN A 143 6.91 7.39 -24.55
CA GLN A 143 8.14 8.16 -24.43
C GLN A 143 9.00 7.46 -23.40
N ALA A 144 8.41 7.16 -22.25
CA ALA A 144 9.12 6.47 -21.16
C ALA A 144 9.78 5.20 -21.69
N LEU A 145 8.99 4.41 -22.40
CA LEU A 145 9.43 3.14 -22.99
C LEU A 145 10.56 3.32 -23.98
N ALA A 146 10.47 4.35 -24.81
CA ALA A 146 11.50 4.64 -25.80
C ALA A 146 12.84 4.86 -25.12
N LEU A 147 12.80 5.37 -23.89
CA LEU A 147 14.04 5.62 -23.12
C LEU A 147 14.51 4.35 -22.41
N GLU A 148 13.57 3.59 -21.85
CA GLU A 148 13.91 2.37 -21.13
C GLU A 148 12.79 1.37 -21.32
N ASP A 149 13.00 0.34 -22.14
CA ASP A 149 11.97 -0.67 -22.34
C ASP A 149 12.09 -1.59 -21.14
N THR A 150 11.08 -1.63 -20.27
CA THR A 150 11.16 -2.47 -19.09
C THR A 150 9.82 -3.07 -18.76
N PRO A 151 9.81 -4.11 -17.91
CA PRO A 151 8.54 -4.74 -17.53
C PRO A 151 7.62 -3.77 -16.81
N GLU A 152 8.21 -3.00 -15.88
CA GLU A 152 7.43 -2.02 -15.12
C GLU A 152 6.70 -1.06 -16.06
N ILE A 153 7.37 -0.57 -17.10
CA ILE A 153 6.69 0.36 -18.00
C ILE A 153 5.71 -0.36 -18.91
N ARG A 154 6.09 -1.52 -19.43
CA ARG A 154 5.14 -2.27 -20.28
C ARG A 154 3.85 -2.45 -19.49
N SER A 155 3.96 -2.68 -18.17
CA SER A 155 2.78 -2.86 -17.31
C SER A 155 1.91 -1.61 -17.19
N ALA A 156 2.55 -0.45 -17.04
CA ALA A 156 1.80 0.80 -16.94
C ALA A 156 1.03 0.97 -18.25
N LEU A 157 1.73 0.77 -19.35
CA LEU A 157 1.14 0.86 -20.68
C LEU A 157 -0.08 -0.07 -20.73
N ALA A 158 0.11 -1.29 -20.24
CA ALA A 158 -0.96 -2.29 -20.20
C ALA A 158 -2.13 -1.68 -19.47
N GLU A 159 -1.85 -1.20 -18.26
CA GLU A 159 -2.84 -0.56 -17.40
C GLU A 159 -3.57 0.57 -18.11
N LEU A 160 -2.84 1.43 -18.81
CA LEU A 160 -3.49 2.52 -19.56
C LEU A 160 -4.38 1.97 -20.69
N TYR A 161 -4.09 0.76 -21.17
CA TYR A 161 -4.90 0.18 -22.22
C TYR A 161 -6.20 -0.41 -21.69
N LEU A 162 -6.17 -0.87 -20.44
CA LEU A 162 -7.38 -1.39 -19.83
C LEU A 162 -8.31 -0.22 -19.55
N SER A 163 -7.73 0.92 -19.19
CA SER A 163 -8.48 2.13 -18.90
C SER A 163 -9.11 2.68 -20.18
N MET A 164 -8.37 2.61 -21.29
CA MET A 164 -8.84 3.09 -22.58
C MET A 164 -9.78 2.09 -23.25
N GLY A 165 -9.72 0.83 -22.83
CA GLY A 165 -10.58 -0.17 -23.42
C GLY A 165 -9.88 -0.98 -24.49
N ARG A 166 -8.57 -0.78 -24.63
CA ARG A 166 -7.77 -1.52 -25.61
C ARG A 166 -7.27 -2.81 -24.97
N LEU A 167 -8.20 -3.71 -24.68
CA LEU A 167 -7.91 -4.99 -24.06
C LEU A 167 -6.86 -5.83 -24.79
N ASP A 168 -7.07 -6.06 -26.09
CA ASP A 168 -6.11 -6.85 -26.84
C ASP A 168 -4.70 -6.30 -26.73
N GLU A 169 -4.60 -4.98 -26.78
CA GLU A 169 -3.31 -4.28 -26.69
C GLU A 169 -2.72 -4.35 -25.29
N ALA A 170 -3.59 -4.35 -24.28
CA ALA A 170 -3.13 -4.45 -22.90
C ALA A 170 -2.50 -5.84 -22.72
N LEU A 171 -3.24 -6.86 -23.14
CA LEU A 171 -2.77 -8.23 -23.05
C LEU A 171 -1.42 -8.37 -23.77
N ALA A 172 -1.29 -7.72 -24.93
CA ALA A 172 -0.04 -7.79 -25.70
C ALA A 172 1.13 -7.22 -24.93
N GLN A 173 0.88 -6.15 -24.18
CA GLN A 173 1.95 -5.52 -23.40
C GLN A 173 2.36 -6.38 -22.20
N TYR A 174 1.41 -7.12 -21.63
CA TYR A 174 1.74 -7.99 -20.50
C TYR A 174 2.58 -9.16 -21.01
N ALA A 175 2.15 -9.72 -22.16
CA ALA A 175 2.85 -10.85 -22.78
C ALA A 175 4.32 -10.47 -23.02
N LYS A 176 4.55 -9.23 -23.46
CA LYS A 176 5.90 -8.76 -23.69
C LYS A 176 6.64 -8.59 -22.36
N ALA A 177 5.99 -7.88 -21.43
CA ALA A 177 6.56 -7.65 -20.11
C ALA A 177 6.96 -8.99 -19.50
N LEU A 178 6.11 -10.00 -19.67
CA LEU A 178 6.41 -11.34 -19.13
C LEU A 178 7.56 -12.05 -19.83
N GLU A 179 7.93 -11.61 -21.03
CA GLU A 179 9.05 -12.22 -21.71
C GLU A 179 10.34 -11.65 -21.11
N GLN A 180 10.28 -10.40 -20.65
CA GLN A 180 11.46 -9.79 -20.05
C GLN A 180 11.71 -10.37 -18.66
N ALA A 181 10.64 -10.71 -17.96
CA ALA A 181 10.74 -11.29 -16.63
C ALA A 181 9.64 -12.36 -16.48
N PRO A 182 9.88 -13.55 -17.07
CA PRO A 182 8.96 -14.70 -17.07
C PRO A 182 8.57 -15.27 -15.69
N LYS A 183 9.43 -15.10 -14.70
CA LYS A 183 9.11 -15.61 -13.36
C LYS A 183 8.50 -14.54 -12.47
N ASP A 184 7.92 -13.51 -13.08
CA ASP A 184 7.32 -12.41 -12.32
C ASP A 184 5.85 -12.68 -11.99
N LEU A 185 5.62 -13.08 -10.75
CA LEU A 185 4.28 -13.41 -10.29
C LEU A 185 3.39 -12.18 -10.30
N ASP A 186 3.94 -11.04 -9.91
CA ASP A 186 3.18 -9.82 -9.90
C ASP A 186 2.61 -9.66 -11.30
N LEU A 187 3.48 -9.79 -12.27
CA LEU A 187 3.10 -9.70 -13.67
C LEU A 187 2.07 -10.77 -14.09
N ARG A 188 2.29 -12.02 -13.67
CA ARG A 188 1.36 -13.10 -14.04
C ARG A 188 -0.06 -12.85 -13.56
N VAL A 189 -0.20 -12.38 -12.34
CA VAL A 189 -1.51 -12.08 -11.79
C VAL A 189 -2.24 -10.99 -12.57
N ARG A 190 -1.53 -9.94 -13.00
CA ARG A 190 -2.19 -8.88 -13.75
C ARG A 190 -2.62 -9.40 -15.09
N TYR A 191 -1.76 -10.21 -15.70
CA TYR A 191 -2.05 -10.80 -17.01
C TYR A 191 -3.28 -11.67 -16.88
N ALA A 192 -3.26 -12.54 -15.87
CA ALA A 192 -4.38 -13.44 -15.59
C ALA A 192 -5.66 -12.65 -15.37
N SER A 193 -5.61 -11.74 -14.40
CA SER A 193 -6.77 -10.93 -14.10
C SER A 193 -7.26 -10.18 -15.34
N ALA A 194 -6.33 -9.79 -16.20
CA ALA A 194 -6.71 -9.08 -17.42
C ALA A 194 -7.37 -10.07 -18.36
N LEU A 195 -6.82 -11.26 -18.49
CA LEU A 195 -7.39 -12.29 -19.37
C LEU A 195 -8.84 -12.53 -18.97
N LEU A 196 -9.13 -12.34 -17.68
CA LEU A 196 -10.50 -12.49 -17.20
C LEU A 196 -11.34 -11.42 -17.86
N LEU A 197 -10.74 -10.75 -18.84
CA LEU A 197 -11.33 -9.66 -19.62
C LEU A 197 -12.54 -9.02 -18.98
N ALA B 4 -28.85 -9.00 -9.67
CA ALA B 4 -28.13 -7.90 -10.37
C ALA B 4 -26.92 -7.42 -9.58
N GLU B 5 -26.96 -7.57 -8.26
CA GLU B 5 -25.84 -7.17 -7.41
C GLU B 5 -24.87 -8.34 -7.30
N GLN B 6 -25.42 -9.56 -7.34
CA GLN B 6 -24.64 -10.78 -7.23
C GLN B 6 -23.41 -10.82 -8.15
N ASN B 7 -23.64 -10.79 -9.46
CA ASN B 7 -22.53 -10.85 -10.41
C ASN B 7 -21.40 -9.88 -10.06
N PRO B 8 -21.68 -8.57 -10.04
CA PRO B 8 -20.62 -7.60 -9.73
C PRO B 8 -19.93 -7.82 -8.39
N LEU B 9 -20.71 -8.00 -7.34
CA LEU B 9 -20.15 -8.22 -6.01
C LEU B 9 -19.27 -9.46 -5.96
N ARG B 10 -19.72 -10.56 -6.56
CA ARG B 10 -18.93 -11.77 -6.53
C ARG B 10 -17.63 -11.59 -7.29
N LEU B 11 -17.67 -10.76 -8.33
CA LEU B 11 -16.50 -10.51 -9.16
C LEU B 11 -15.48 -9.64 -8.43
N GLY B 12 -15.96 -8.67 -7.68
CA GLY B 12 -15.07 -7.80 -6.93
C GLY B 12 -14.29 -8.58 -5.89
N VAL B 13 -15.00 -9.47 -5.19
CA VAL B 13 -14.34 -10.26 -4.17
C VAL B 13 -13.17 -11.02 -4.76
N GLN B 14 -13.38 -11.57 -5.95
CA GLN B 14 -12.34 -12.32 -6.63
C GLN B 14 -11.24 -11.34 -7.04
N LEU B 15 -11.59 -10.21 -7.64
CA LEU B 15 -10.55 -9.25 -7.99
C LEU B 15 -9.81 -8.76 -6.73
N TYR B 16 -10.55 -8.51 -5.65
CA TYR B 16 -9.88 -8.06 -4.44
C TYR B 16 -8.84 -9.10 -4.08
N ALA B 17 -9.25 -10.37 -4.06
CA ALA B 17 -8.35 -11.47 -3.72
C ALA B 17 -7.14 -11.54 -4.65
N LEU B 18 -7.31 -11.11 -5.90
CA LEU B 18 -6.21 -11.14 -6.87
C LEU B 18 -5.31 -9.91 -6.69
N GLY B 19 -5.80 -8.92 -5.96
CA GLY B 19 -5.02 -7.71 -5.70
C GLY B 19 -5.29 -6.55 -6.65
N ARG B 20 -6.39 -6.64 -7.39
CA ARG B 20 -6.80 -5.61 -8.35
C ARG B 20 -7.86 -4.74 -7.68
N TYR B 21 -7.39 -3.93 -6.74
CA TYR B 21 -8.24 -3.06 -5.94
C TYR B 21 -9.02 -1.97 -6.66
N ASP B 22 -8.39 -1.28 -7.60
CA ASP B 22 -9.11 -0.23 -8.34
C ASP B 22 -10.29 -0.84 -9.09
N ALA B 23 -10.08 -1.98 -9.73
CA ALA B 23 -11.14 -2.66 -10.47
C ALA B 23 -12.20 -3.24 -9.54
N ALA B 24 -11.77 -3.69 -8.35
CA ALA B 24 -12.71 -4.22 -7.38
C ALA B 24 -13.55 -3.06 -6.85
N LEU B 25 -12.91 -1.92 -6.67
CA LEU B 25 -13.59 -0.73 -6.15
C LEU B 25 -14.76 -0.32 -7.02
N THR B 26 -14.63 -0.50 -8.34
CA THR B 26 -15.69 -0.11 -9.25
C THR B 26 -16.81 -1.16 -9.24
N LEU B 27 -16.43 -2.42 -9.13
CA LEU B 27 -17.40 -3.51 -9.09
C LEU B 27 -18.25 -3.46 -7.81
N PHE B 28 -17.61 -3.16 -6.69
CA PHE B 28 -18.33 -3.07 -5.42
C PHE B 28 -19.27 -1.86 -5.40
N GLU B 29 -18.93 -0.82 -6.15
CA GLU B 29 -19.77 0.36 -6.21
C GLU B 29 -21.03 0.01 -6.99
N ARG B 30 -20.84 -0.74 -8.08
CA ARG B 30 -21.97 -1.17 -8.89
C ARG B 30 -22.89 -2.01 -7.98
N ALA B 31 -22.28 -2.86 -7.16
CA ALA B 31 -23.04 -3.68 -6.24
C ALA B 31 -23.92 -2.80 -5.35
N LEU B 32 -23.31 -1.79 -4.76
CA LEU B 32 -24.04 -0.88 -3.89
C LEU B 32 -25.16 -0.14 -4.57
N LYS B 33 -25.03 0.12 -5.87
CA LYS B 33 -26.10 0.81 -6.58
C LYS B 33 -27.28 -0.14 -6.79
N GLU B 34 -27.01 -1.44 -6.83
CA GLU B 34 -28.08 -2.40 -7.01
C GLU B 34 -28.72 -2.72 -5.68
N ASN B 35 -27.91 -2.76 -4.62
CA ASN B 35 -28.43 -3.04 -3.29
C ASN B 35 -27.72 -2.15 -2.26
N PRO B 36 -28.14 -0.87 -2.19
CA PRO B 36 -27.66 0.21 -1.32
C PRO B 36 -27.36 -0.12 0.14
N GLN B 37 -28.20 -0.92 0.78
CA GLN B 37 -27.97 -1.22 2.19
C GLN B 37 -27.31 -2.57 2.49
N ASP B 38 -26.90 -3.32 1.46
CA ASP B 38 -26.28 -4.60 1.74
C ASP B 38 -24.94 -4.44 2.43
N PRO B 39 -24.87 -4.79 3.72
CA PRO B 39 -23.64 -4.69 4.50
C PRO B 39 -22.42 -5.38 3.90
N GLU B 40 -22.65 -6.45 3.15
CA GLU B 40 -21.53 -7.15 2.55
C GLU B 40 -20.85 -6.24 1.50
N ALA B 41 -21.64 -5.68 0.60
CA ALA B 41 -21.09 -4.79 -0.42
C ALA B 41 -20.43 -3.57 0.23
N LEU B 42 -21.13 -2.95 1.17
CA LEU B 42 -20.63 -1.80 1.90
C LEU B 42 -19.25 -2.15 2.47
N TYR B 43 -19.18 -3.31 3.10
CA TYR B 43 -17.95 -3.81 3.71
C TYR B 43 -16.78 -4.04 2.72
N TRP B 44 -17.07 -4.63 1.56
CA TRP B 44 -16.02 -4.85 0.59
C TRP B 44 -15.55 -3.49 0.07
N LEU B 45 -16.50 -2.57 -0.13
CA LEU B 45 -16.16 -1.24 -0.59
C LEU B 45 -15.18 -0.57 0.37
N ALA B 46 -15.59 -0.48 1.64
CA ALA B 46 -14.75 0.14 2.67
C ALA B 46 -13.38 -0.53 2.76
N ARG B 47 -13.35 -1.86 2.66
CA ARG B 47 -12.10 -2.58 2.75
C ARG B 47 -11.19 -2.26 1.56
N THR B 48 -11.79 -2.06 0.39
CA THR B 48 -11.02 -1.73 -0.79
C THR B 48 -10.49 -0.31 -0.61
N GLN B 49 -11.34 0.58 -0.10
CA GLN B 49 -10.95 1.97 0.13
C GLN B 49 -9.67 1.99 0.99
N LEU B 50 -9.65 1.18 2.04
CA LEU B 50 -8.46 1.09 2.89
C LEU B 50 -7.24 0.79 2.00
N LYS B 51 -7.31 -0.29 1.22
CA LYS B 51 -6.22 -0.68 0.33
C LYS B 51 -5.86 0.45 -0.64
N LEU B 52 -6.87 1.18 -1.13
CA LEU B 52 -6.63 2.27 -2.07
C LEU B 52 -6.31 3.61 -1.40
N GLY B 53 -6.04 3.60 -0.10
CA GLY B 53 -5.72 4.85 0.60
C GLY B 53 -6.85 5.82 0.90
N LEU B 54 -8.09 5.47 0.56
CA LEU B 54 -9.22 6.34 0.84
C LEU B 54 -9.70 6.05 2.27
N VAL B 55 -8.89 6.47 3.25
CA VAL B 55 -9.14 6.25 4.67
C VAL B 55 -10.42 6.84 5.28
N ASN B 56 -10.71 8.10 5.01
CA ASN B 56 -11.89 8.75 5.58
C ASN B 56 -13.22 8.11 5.16
N PRO B 57 -13.39 7.81 3.86
CA PRO B 57 -14.63 7.19 3.41
C PRO B 57 -14.84 5.80 4.01
N ALA B 58 -13.73 5.11 4.30
CA ALA B 58 -13.76 3.78 4.88
C ALA B 58 -14.16 3.82 6.35
N LEU B 59 -13.62 4.79 7.08
CA LEU B 59 -13.92 4.93 8.49
C LEU B 59 -15.42 5.21 8.62
N GLU B 60 -15.92 6.08 7.75
CA GLU B 60 -17.33 6.45 7.79
C GLU B 60 -18.23 5.28 7.38
N ASN B 61 -17.75 4.42 6.49
CA ASN B 61 -18.52 3.24 6.08
C ASN B 61 -18.38 2.19 7.19
N GLY B 62 -17.22 2.18 7.83
CA GLY B 62 -17.01 1.25 8.92
C GLY B 62 -17.99 1.56 10.04
N LYS B 63 -18.11 2.85 10.37
CA LYS B 63 -19.01 3.29 11.42
C LYS B 63 -20.47 3.00 11.10
N THR B 64 -20.87 3.13 9.84
CA THR B 64 -22.24 2.85 9.48
C THR B 64 -22.54 1.35 9.60
N LEU B 65 -21.57 0.49 9.32
CA LEU B 65 -21.76 -0.97 9.41
C LEU B 65 -22.01 -1.41 10.84
N VAL B 66 -21.03 -1.13 11.70
CA VAL B 66 -21.12 -1.48 13.11
C VAL B 66 -22.41 -0.96 13.74
N ALA B 67 -22.90 0.16 13.24
CA ALA B 67 -24.13 0.77 13.77
C ALA B 67 -25.37 0.07 13.24
N ARG B 68 -25.44 -0.09 11.92
CA ARG B 68 -26.59 -0.75 11.28
C ARG B 68 -26.58 -2.27 11.42
N THR B 69 -25.41 -2.87 11.28
CA THR B 69 -25.29 -4.31 11.36
C THR B 69 -24.28 -4.75 12.43
N PRO B 70 -24.60 -4.48 13.72
CA PRO B 70 -23.81 -4.80 14.91
C PRO B 70 -23.37 -6.25 15.13
N ARG B 71 -24.06 -7.21 14.50
CA ARG B 71 -23.68 -8.62 14.65
C ARG B 71 -22.76 -9.08 13.52
N TYR B 72 -22.44 -8.16 12.62
CA TYR B 72 -21.56 -8.43 11.48
C TYR B 72 -20.12 -7.99 11.80
N LEU B 73 -19.24 -8.97 11.91
CA LEU B 73 -17.85 -8.73 12.24
C LEU B 73 -17.14 -7.82 11.23
N GLY B 74 -17.46 -7.98 9.95
CA GLY B 74 -16.83 -7.16 8.92
C GLY B 74 -16.65 -5.71 9.33
N GLY B 75 -17.75 -5.03 9.62
CA GLY B 75 -17.69 -3.64 10.03
C GLY B 75 -16.66 -3.35 11.11
N TYR B 76 -16.53 -4.26 12.08
CA TYR B 76 -15.57 -4.06 13.17
C TYR B 76 -14.14 -4.13 12.68
N MET B 77 -13.85 -5.07 11.78
CA MET B 77 -12.51 -5.22 11.25
C MET B 77 -12.12 -3.99 10.41
N VAL B 78 -13.05 -3.49 9.61
CA VAL B 78 -12.78 -2.33 8.76
C VAL B 78 -12.60 -1.05 9.57
N LEU B 79 -13.54 -0.78 10.48
CA LEU B 79 -13.47 0.40 11.33
C LEU B 79 -12.14 0.39 12.05
N SER B 80 -11.82 -0.76 12.63
CA SER B 80 -10.57 -0.91 13.36
C SER B 80 -9.34 -0.62 12.50
N GLU B 81 -9.34 -1.13 11.27
CA GLU B 81 -8.23 -0.95 10.34
C GLU B 81 -8.13 0.51 9.93
N ALA B 82 -9.28 1.16 9.80
CA ALA B 82 -9.32 2.55 9.42
C ALA B 82 -8.73 3.40 10.57
N TYR B 83 -8.97 3.01 11.82
CA TYR B 83 -8.41 3.76 12.93
C TYR B 83 -6.91 3.66 12.96
N VAL B 84 -6.39 2.54 12.47
CA VAL B 84 -4.94 2.34 12.45
C VAL B 84 -4.35 3.08 11.24
N ALA B 85 -5.17 3.32 10.23
CA ALA B 85 -4.69 4.04 9.06
C ALA B 85 -4.54 5.48 9.49
N LEU B 86 -5.50 5.96 10.28
CA LEU B 86 -5.47 7.33 10.77
C LEU B 86 -4.34 7.49 11.80
N TYR B 87 -4.07 6.44 12.56
CA TYR B 87 -2.99 6.50 13.54
C TYR B 87 -1.67 6.79 12.84
N ARG B 88 -1.38 5.99 11.82
CA ARG B 88 -0.15 6.13 11.06
C ARG B 88 -0.03 7.51 10.41
N GLN B 89 -1.18 8.11 10.09
CA GLN B 89 -1.21 9.41 9.45
C GLN B 89 -1.35 10.56 10.46
N ALA B 90 -1.33 10.21 11.74
CA ALA B 90 -1.47 11.19 12.81
C ALA B 90 -0.35 12.20 12.96
N GLU B 91 -0.72 13.46 12.81
CA GLU B 91 0.19 14.58 12.94
C GLU B 91 0.69 14.62 14.39
N ASP B 92 -0.24 14.94 15.29
CA ASP B 92 0.04 15.03 16.73
C ASP B 92 0.27 13.63 17.30
N ARG B 93 1.14 13.53 18.31
CA ARG B 93 1.43 12.23 18.92
C ARG B 93 0.33 11.65 19.80
N GLU B 94 -0.49 12.51 20.42
CA GLU B 94 -1.57 12.01 21.28
C GLU B 94 -2.85 11.73 20.48
N ARG B 95 -2.94 12.34 19.30
CA ARG B 95 -4.11 12.13 18.44
C ARG B 95 -3.97 10.66 17.98
N GLY B 96 -2.72 10.27 17.72
CA GLY B 96 -2.43 8.92 17.27
C GLY B 96 -2.82 7.86 18.28
N LYS B 97 -2.60 8.12 19.56
CA LYS B 97 -2.96 7.16 20.58
C LYS B 97 -4.49 7.05 20.69
N GLY B 98 -5.18 8.17 20.53
CA GLY B 98 -6.62 8.15 20.60
C GLY B 98 -7.17 7.22 19.53
N TYR B 99 -6.67 7.38 18.32
CA TYR B 99 -7.08 6.56 17.19
C TYR B 99 -6.80 5.10 17.51
N LEU B 100 -5.57 4.81 17.89
CA LEU B 100 -5.16 3.46 18.23
C LEU B 100 -6.03 2.91 19.36
N GLU B 101 -6.49 3.82 20.22
CA GLU B 101 -7.32 3.44 21.36
C GLU B 101 -8.73 3.14 20.88
N GLN B 102 -9.15 3.88 19.85
CA GLN B 102 -10.46 3.69 19.26
C GLN B 102 -10.49 2.30 18.61
N ALA B 103 -9.32 1.88 18.10
CA ALA B 103 -9.16 0.60 17.44
C ALA B 103 -9.30 -0.59 18.38
N LEU B 104 -8.73 -0.48 19.57
CA LEU B 104 -8.79 -1.55 20.55
C LEU B 104 -10.21 -1.68 21.09
N SER B 105 -10.95 -0.58 21.06
CA SER B 105 -12.31 -0.57 21.56
C SER B 105 -13.23 -1.33 20.60
N VAL B 106 -13.15 -0.96 19.33
CA VAL B 106 -13.95 -1.58 18.30
C VAL B 106 -13.72 -3.09 18.30
N LEU B 107 -12.48 -3.49 18.54
CA LEU B 107 -12.13 -4.90 18.57
C LEU B 107 -12.72 -5.57 19.81
N LYS B 108 -12.64 -4.88 20.95
CA LYS B 108 -13.19 -5.38 22.19
C LYS B 108 -14.69 -5.59 21.95
N ASP B 109 -15.30 -4.65 21.22
CA ASP B 109 -16.73 -4.76 20.87
C ASP B 109 -16.88 -6.06 20.13
N ALA B 110 -16.10 -6.19 19.06
CA ALA B 110 -16.08 -7.33 18.18
C ALA B 110 -16.03 -8.68 18.89
N GLU B 111 -15.09 -8.82 19.82
CA GLU B 111 -14.95 -10.07 20.54
C GLU B 111 -16.26 -10.47 21.22
N ARG B 112 -17.07 -9.46 21.56
CA ARG B 112 -18.35 -9.72 22.22
C ARG B 112 -19.37 -10.40 21.30
N VAL B 113 -19.28 -10.15 19.99
CA VAL B 113 -20.20 -10.75 19.06
C VAL B 113 -19.76 -12.18 18.76
N ASN B 114 -18.45 -12.37 18.71
CA ASN B 114 -17.86 -13.68 18.44
C ASN B 114 -16.43 -13.73 19.02
N PRO B 115 -16.27 -14.32 20.20
CA PRO B 115 -14.94 -14.40 20.81
C PRO B 115 -14.02 -15.41 20.15
N ARG B 116 -14.53 -16.11 19.14
CA ARG B 116 -13.73 -17.14 18.48
C ARG B 116 -13.37 -16.88 17.02
N TYR B 117 -13.32 -15.61 16.63
CA TYR B 117 -12.98 -15.22 15.27
C TYR B 117 -11.49 -14.84 15.28
N ALA B 118 -10.65 -15.68 14.69
CA ALA B 118 -9.20 -15.46 14.66
C ALA B 118 -8.75 -14.08 14.14
N PRO B 119 -9.29 -13.64 12.99
CA PRO B 119 -8.91 -12.34 12.43
C PRO B 119 -8.98 -11.19 13.45
N LEU B 120 -10.02 -11.21 14.30
CA LEU B 120 -10.17 -10.18 15.32
C LEU B 120 -8.98 -10.22 16.29
N HIS B 121 -8.58 -11.43 16.67
CA HIS B 121 -7.45 -11.60 17.58
C HIS B 121 -6.13 -11.26 16.88
N LEU B 122 -6.15 -11.25 15.55
CA LEU B 122 -4.98 -10.91 14.76
C LEU B 122 -4.82 -9.37 14.80
N GLN B 123 -5.93 -8.65 14.61
CA GLN B 123 -5.91 -7.19 14.64
C GLN B 123 -5.59 -6.68 16.05
N ARG B 124 -6.27 -7.25 17.04
CA ARG B 124 -6.04 -6.87 18.42
C ARG B 124 -4.53 -6.93 18.66
N GLY B 125 -3.92 -8.06 18.30
CA GLY B 125 -2.49 -8.22 18.48
C GLY B 125 -1.70 -7.14 17.77
N LEU B 126 -2.20 -6.75 16.61
CA LEU B 126 -1.55 -5.71 15.82
C LEU B 126 -1.54 -4.41 16.62
N VAL B 127 -2.74 -3.96 16.99
CA VAL B 127 -2.94 -2.73 17.74
C VAL B 127 -2.09 -2.67 19.00
N TYR B 128 -2.17 -3.71 19.82
CA TYR B 128 -1.38 -3.73 21.04
C TYR B 128 0.09 -3.49 20.70
N ALA B 129 0.58 -4.16 19.66
CA ALA B 129 1.97 -4.00 19.26
C ALA B 129 2.25 -2.53 18.98
N LEU B 130 1.33 -1.86 18.29
CA LEU B 130 1.51 -0.46 17.96
C LEU B 130 1.55 0.42 19.22
N LEU B 131 0.83 0.02 20.27
CA LEU B 131 0.79 0.78 21.52
C LEU B 131 2.04 0.50 22.38
N GLY B 132 2.91 -0.39 21.92
CA GLY B 132 4.08 -0.71 22.70
C GLY B 132 3.80 -1.77 23.76
N GLU B 133 2.68 -2.46 23.62
CA GLU B 133 2.30 -3.50 24.58
C GLU B 133 2.56 -4.89 23.98
N ARG B 134 3.83 -5.18 23.76
CA ARG B 134 4.30 -6.44 23.17
C ARG B 134 3.86 -7.67 23.97
N ASP B 135 3.83 -7.52 25.29
CA ASP B 135 3.41 -8.59 26.18
C ASP B 135 1.97 -9.00 25.83
N LYS B 136 1.11 -8.01 25.60
CA LYS B 136 -0.28 -8.28 25.25
C LYS B 136 -0.40 -8.75 23.81
N ALA B 137 0.39 -8.14 22.93
CA ALA B 137 0.38 -8.47 21.51
C ALA B 137 0.56 -9.98 21.32
N GLU B 138 1.67 -10.50 21.81
CA GLU B 138 1.97 -11.93 21.70
C GLU B 138 0.79 -12.78 22.12
N ALA B 139 0.22 -12.47 23.28
CA ALA B 139 -0.93 -13.20 23.77
C ALA B 139 -2.05 -13.16 22.72
N SER B 140 -2.36 -11.97 22.21
CA SER B 140 -3.41 -11.84 21.20
C SER B 140 -3.13 -12.67 19.96
N LEU B 141 -1.88 -12.59 19.49
CA LEU B 141 -1.45 -13.32 18.31
C LEU B 141 -1.47 -14.82 18.56
N LYS B 142 -1.01 -15.22 19.75
CA LYS B 142 -1.02 -16.63 20.11
C LYS B 142 -2.46 -17.10 20.25
N GLN B 143 -3.35 -16.15 20.58
CA GLN B 143 -4.76 -16.44 20.76
C GLN B 143 -5.36 -16.68 19.39
N ALA B 144 -4.94 -15.88 18.41
CA ALA B 144 -5.42 -15.99 17.04
C ALA B 144 -4.89 -17.27 16.43
N LEU B 145 -3.60 -17.50 16.67
CA LEU B 145 -2.90 -18.66 16.17
C LEU B 145 -3.52 -19.95 16.70
N ALA B 146 -4.05 -19.90 17.92
CA ALA B 146 -4.66 -21.08 18.53
C ALA B 146 -6.00 -21.34 17.87
N LEU B 147 -6.57 -20.30 17.29
CA LEU B 147 -7.85 -20.41 16.60
C LEU B 147 -7.63 -20.82 15.14
N GLU B 148 -6.73 -20.12 14.45
CA GLU B 148 -6.44 -20.41 13.06
C GLU B 148 -4.95 -20.28 12.75
N ASP B 149 -4.24 -21.38 12.84
CA ASP B 149 -2.81 -21.44 12.58
C ASP B 149 -2.54 -21.22 11.07
N THR B 150 -2.42 -19.96 10.66
CA THR B 150 -2.20 -19.65 9.24
C THR B 150 -0.85 -18.94 9.02
N PRO B 151 -0.32 -19.03 7.78
CA PRO B 151 0.97 -18.39 7.46
C PRO B 151 0.94 -16.90 7.78
N GLU B 152 -0.22 -16.29 7.59
CA GLU B 152 -0.40 -14.88 7.84
C GLU B 152 -0.17 -14.54 9.31
N ILE B 153 -0.81 -15.27 10.21
CA ILE B 153 -0.67 -15.02 11.63
C ILE B 153 0.75 -15.32 12.13
N ARG B 154 1.36 -16.39 11.65
CA ARG B 154 2.71 -16.69 12.09
C ARG B 154 3.57 -15.50 11.70
N SER B 155 3.38 -15.01 10.47
CA SER B 155 4.14 -13.88 9.97
C SER B 155 3.99 -12.66 10.88
N ALA B 156 2.79 -12.45 11.40
CA ALA B 156 2.53 -11.35 12.31
C ALA B 156 3.31 -11.59 13.61
N LEU B 157 3.24 -12.82 14.10
CA LEU B 157 3.95 -13.20 15.32
C LEU B 157 5.46 -12.98 15.14
N ALA B 158 5.99 -13.49 14.02
CA ALA B 158 7.41 -13.35 13.72
C ALA B 158 7.77 -11.88 13.75
N GLU B 159 6.93 -11.05 13.14
CA GLU B 159 7.16 -9.61 13.12
C GLU B 159 7.28 -9.12 14.57
N LEU B 160 6.38 -9.62 15.41
CA LEU B 160 6.37 -9.26 16.83
C LEU B 160 7.61 -9.77 17.56
N TYR B 161 8.22 -10.83 17.05
CA TYR B 161 9.41 -11.35 17.68
C TYR B 161 10.64 -10.59 17.21
N LEU B 162 10.51 -9.93 16.06
CA LEU B 162 11.61 -9.13 15.54
C LEU B 162 11.62 -7.81 16.30
N SER B 163 10.43 -7.35 16.68
CA SER B 163 10.32 -6.11 17.42
C SER B 163 10.89 -6.34 18.83
N MET B 164 10.50 -7.43 19.46
CA MET B 164 10.98 -7.75 20.80
C MET B 164 12.49 -8.04 20.86
N GLY B 165 13.05 -8.46 19.73
CA GLY B 165 14.48 -8.76 19.71
C GLY B 165 14.77 -10.25 19.64
N ARG B 166 13.72 -11.07 19.56
CA ARG B 166 13.92 -12.51 19.45
C ARG B 166 14.08 -12.87 17.97
N LEU B 167 15.31 -12.80 17.47
CA LEU B 167 15.59 -13.11 16.08
C LEU B 167 15.40 -14.61 15.82
N ASP B 168 16.02 -15.43 16.65
CA ASP B 168 15.90 -16.88 16.52
C ASP B 168 14.45 -17.30 16.39
N GLU B 169 13.61 -16.85 17.32
CA GLU B 169 12.19 -17.20 17.33
C GLU B 169 11.36 -16.53 16.25
N ALA B 170 11.86 -15.45 15.69
CA ALA B 170 11.14 -14.76 14.64
C ALA B 170 11.38 -15.58 13.37
N LEU B 171 12.57 -16.13 13.28
CA LEU B 171 12.98 -16.95 12.15
C LEU B 171 12.28 -18.29 12.21
N ALA B 172 12.08 -18.78 13.44
CA ALA B 172 11.40 -20.06 13.62
C ALA B 172 9.97 -19.89 13.15
N GLN B 173 9.35 -18.77 13.50
CA GLN B 173 7.98 -18.55 13.07
C GLN B 173 7.86 -18.48 11.56
N TYR B 174 8.84 -17.83 10.91
CA TYR B 174 8.85 -17.71 9.47
C TYR B 174 9.05 -19.08 8.83
N ALA B 175 9.88 -19.90 9.47
CA ALA B 175 10.18 -21.24 8.99
C ALA B 175 8.91 -22.06 8.96
N LYS B 176 8.14 -21.94 10.04
CA LYS B 176 6.88 -22.64 10.22
C LYS B 176 5.85 -22.18 9.18
N ALA B 177 5.81 -20.88 8.93
CA ALA B 177 4.87 -20.32 7.97
C ALA B 177 5.21 -20.80 6.56
N LEU B 178 6.50 -20.96 6.29
CA LEU B 178 6.94 -21.41 4.97
C LEU B 178 6.64 -22.88 4.75
N GLU B 179 6.55 -23.66 5.83
CA GLU B 179 6.21 -25.08 5.68
C GLU B 179 4.73 -25.19 5.35
N GLN B 180 3.96 -24.16 5.69
CA GLN B 180 2.52 -24.15 5.41
C GLN B 180 2.23 -23.60 4.02
N ALA B 181 3.17 -22.84 3.48
CA ALA B 181 3.03 -22.27 2.15
C ALA B 181 4.44 -22.10 1.59
N PRO B 182 5.09 -23.20 1.22
CA PRO B 182 6.45 -23.20 0.67
C PRO B 182 6.69 -22.28 -0.54
N LYS B 183 5.66 -22.11 -1.36
CA LYS B 183 5.76 -21.28 -2.56
C LYS B 183 5.40 -19.81 -2.36
N ASP B 184 5.20 -19.39 -1.13
CA ASP B 184 4.89 -17.98 -0.85
C ASP B 184 6.21 -17.22 -1.00
N LEU B 185 6.36 -16.47 -2.10
CA LEU B 185 7.61 -15.74 -2.34
C LEU B 185 7.75 -14.55 -1.40
N ASP B 186 6.66 -13.82 -1.21
CA ASP B 186 6.64 -12.69 -0.31
C ASP B 186 7.14 -13.18 1.04
N LEU B 187 6.69 -14.39 1.41
CA LEU B 187 7.09 -14.99 2.67
C LEU B 187 8.56 -15.37 2.69
N ARG B 188 9.11 -15.75 1.53
CA ARG B 188 10.53 -16.07 1.48
C ARG B 188 11.38 -14.79 1.62
N VAL B 189 10.87 -13.69 1.06
CA VAL B 189 11.61 -12.44 1.13
C VAL B 189 11.77 -11.99 2.58
N ARG B 190 10.65 -11.92 3.28
CA ARG B 190 10.63 -11.50 4.68
C ARG B 190 11.53 -12.36 5.53
N TYR B 191 11.54 -13.65 5.27
CA TYR B 191 12.37 -14.58 6.02
C TYR B 191 13.84 -14.30 5.72
N ALA B 192 14.15 -14.09 4.45
CA ALA B 192 15.53 -13.79 4.04
C ALA B 192 15.94 -12.46 4.66
N SER B 193 15.05 -11.48 4.65
CA SER B 193 15.34 -10.18 5.23
C SER B 193 15.66 -10.36 6.71
N ALA B 194 14.87 -11.22 7.36
CA ALA B 194 15.09 -11.49 8.78
C ALA B 194 16.44 -12.13 9.00
N LEU B 195 16.76 -13.15 8.21
CA LEU B 195 18.06 -13.82 8.35
C LEU B 195 19.21 -12.85 8.13
N LEU B 196 18.96 -11.80 7.36
CA LEU B 196 19.97 -10.80 7.10
C LEU B 196 20.26 -9.96 8.34
N LEU B 197 19.56 -10.27 9.42
CA LEU B 197 19.72 -9.56 10.71
C LEU B 197 19.66 -8.06 10.43
#